data_3IE5
#
_entry.id   3IE5
#
_cell.length_a   37.538
_cell.length_b   76.713
_cell.length_c   119.799
_cell.angle_alpha   90.00
_cell.angle_beta   90.00
_cell.angle_gamma   90.00
#
_symmetry.space_group_name_H-M   'P 21 21 21'
#
loop_
_entity.id
_entity.type
_entity.pdbx_description
1 polymer 'Phenolic oxidative coupling protein Hyp-1'
2 non-polymer 'CHLORIDE ION'
3 non-polymer 'TRIETHYLENE GLYCOL'
4 non-polymer 'TETRAETHYLENE GLYCOL'
5 non-polymer 3,6,9,12,15,18,21-HEPTAOXATRICOSANE-1,23-DIOL
6 non-polymer 'PENTAETHYLENE GLYCOL'
7 non-polymer DI(HYDROXYETHYL)ETHER
8 water water
#
_entity_poly.entity_id   1
_entity_poly.type   'polypeptide(L)'
_entity_poly.pdbx_seq_one_letter_code
;GIDPFTMAAYTIVKEEESPIAPHRLFKALVLERHQVLVKAQPHVFKSGEIIEGDGGVGTVTKITFVDGHPLTYMLHKFDE
IDAANFYCKYTLFEGDVLRDNIEKVVYEVKLEAVGGGSKGKITVTYHPKPGCTVNEEEVKIGEKKAYEFYKQVEEYLAAN
PEVFA
;
_entity_poly.pdbx_strand_id   A,B
#
loop_
_chem_comp.id
_chem_comp.type
_chem_comp.name
_chem_comp.formula
1PE non-polymer 'PENTAETHYLENE GLYCOL' 'C10 H22 O6'
CL non-polymer 'CHLORIDE ION' 'Cl -1'
PE8 non-polymer 3,6,9,12,15,18,21-HEPTAOXATRICOSANE-1,23-DIOL 'C16 H34 O9'
PEG non-polymer DI(HYDROXYETHYL)ETHER 'C4 H10 O3'
PG4 non-polymer 'TETRAETHYLENE GLYCOL' 'C8 H18 O5'
PGE non-polymer 'TRIETHYLENE GLYCOL' 'C6 H14 O4'
#
# COMPACT_ATOMS: atom_id res chain seq x y z
N THR A 6 12.94 -13.96 14.27
CA THR A 6 12.01 -14.96 13.65
C THR A 6 10.78 -15.23 14.53
N MET A 7 10.95 -15.07 15.84
CA MET A 7 9.85 -15.18 16.78
C MET A 7 9.44 -13.80 17.32
N ALA A 8 9.76 -12.75 16.58
CA ALA A 8 9.42 -11.42 17.00
C ALA A 8 8.04 -11.02 16.43
N ALA A 9 7.46 -9.96 16.98
CA ALA A 9 6.25 -9.37 16.38
C ALA A 9 6.62 -8.87 15.00
N TYR A 10 5.60 -8.72 14.18
CA TYR A 10 5.79 -8.48 12.77
C TYR A 10 4.83 -7.31 12.42
N THR A 11 5.38 -6.17 11.97
CA THR A 11 4.57 -4.99 11.81
C THR A 11 4.59 -4.53 10.37
N ILE A 12 3.43 -4.10 9.88
CA ILE A 12 3.29 -3.50 8.55
CA ILE A 12 3.37 -3.46 8.55
C ILE A 12 2.69 -2.11 8.70
N VAL A 13 3.10 -1.14 7.87
CA VAL A 13 2.49 0.17 7.96
C VAL A 13 2.00 0.46 6.54
N LYS A 14 0.83 1.07 6.41
CA LYS A 14 0.34 1.38 5.06
C LYS A 14 -0.32 2.77 5.06
N GLU A 15 -0.07 3.54 3.99
CA GLU A 15 -0.71 4.86 3.86
C GLU A 15 -1.38 4.89 2.51
N GLU A 16 -2.56 5.49 2.48
CA GLU A 16 -3.29 5.69 1.24
C GLU A 16 -4.27 6.85 1.41
N GLU A 17 -4.49 7.62 0.35
CA GLU A 17 -5.56 8.62 0.33
C GLU A 17 -6.90 8.07 -0.16
N SER A 18 -7.98 8.71 0.30
CA SER A 18 -9.34 8.34 -0.07
C SER A 18 -10.12 9.62 -0.43
N PRO A 19 -11.05 9.51 -1.38
CA PRO A 19 -11.89 10.67 -1.65
C PRO A 19 -12.97 10.84 -0.57
N ILE A 20 -13.12 9.87 0.32
CA ILE A 20 -14.18 9.94 1.32
C ILE A 20 -13.71 10.82 2.49
N ALA A 21 -14.59 11.67 2.99
CA ALA A 21 -14.23 12.56 4.14
C ALA A 21 -13.90 11.73 5.38
N PRO A 22 -12.98 12.20 6.21
CA PRO A 22 -12.52 11.28 7.27
C PRO A 22 -13.57 11.03 8.34
N HIS A 23 -14.49 11.95 8.59
CA HIS A 23 -15.49 11.59 9.63
C HIS A 23 -16.35 10.40 9.16
N ARG A 24 -16.59 10.26 7.86
CA ARG A 24 -17.37 9.13 7.39
C ARG A 24 -16.51 7.87 7.40
N LEU A 25 -15.27 7.98 6.90
CA LEU A 25 -14.39 6.83 6.83
C LEU A 25 -14.10 6.30 8.27
N PHE A 26 -13.87 7.21 9.24
CA PHE A 26 -13.63 6.75 10.62
C PHE A 26 -14.83 6.04 11.23
N LYS A 27 -16.05 6.50 10.99
CA LYS A 27 -17.21 5.74 11.47
C LYS A 27 -17.28 4.39 10.78
N ALA A 28 -17.10 4.37 9.47
CA ALA A 28 -17.30 3.12 8.74
C ALA A 28 -16.26 2.07 9.04
N LEU A 29 -15.01 2.51 9.16
CA LEU A 29 -13.86 1.62 9.38
C LEU A 29 -13.54 1.31 10.82
N VAL A 30 -14.03 2.10 11.78
CA VAL A 30 -13.72 1.91 13.19
C VAL A 30 -14.95 1.87 14.06
N LEU A 31 -15.57 3.02 14.28
CA LEU A 31 -16.56 3.12 15.35
C LEU A 31 -17.79 2.28 15.07
N GLU A 32 -18.25 2.26 13.82
CA GLU A 32 -19.49 1.62 13.52
C GLU A 32 -19.21 0.57 12.48
N ARG A 33 -17.96 0.07 12.45
CA ARG A 33 -17.64 -0.94 11.47
CA ARG A 33 -17.62 -0.95 11.47
C ARG A 33 -18.57 -2.14 11.65
N HIS A 34 -18.92 -2.45 12.89
CA HIS A 34 -19.79 -3.64 13.13
C HIS A 34 -21.17 -3.47 12.50
N GLN A 35 -21.58 -2.24 12.24
CA GLN A 35 -22.87 -1.98 11.60
C GLN A 35 -22.80 -1.80 10.07
N VAL A 36 -21.59 -1.60 9.52
CA VAL A 36 -21.37 -1.39 8.09
C VAL A 36 -20.87 -2.62 7.33
N LEU A 37 -20.33 -3.60 8.06
N LEU A 37 -20.23 -3.58 7.98
CA LEU A 37 -19.63 -4.74 7.45
CA LEU A 37 -19.54 -4.60 7.18
C LEU A 37 -20.56 -5.40 6.48
C LEU A 37 -20.53 -5.52 6.44
N VAL A 38 -21.71 -5.79 7.02
CA VAL A 38 -22.72 -6.56 6.30
C VAL A 38 -23.28 -5.75 5.15
N LYS A 39 -23.45 -4.45 5.31
CA LYS A 39 -23.96 -3.64 4.22
C LYS A 39 -22.97 -3.55 3.06
N ALA A 40 -21.68 -3.38 3.37
CA ALA A 40 -20.67 -3.19 2.33
C ALA A 40 -20.20 -4.50 1.70
N GLN A 41 -20.18 -5.58 2.48
CA GLN A 41 -19.68 -6.89 1.98
C GLN A 41 -20.59 -8.01 2.49
N PRO A 42 -21.84 -8.04 2.02
CA PRO A 42 -22.79 -9.03 2.54
C PRO A 42 -22.45 -10.42 2.01
N HIS A 43 -21.55 -10.50 1.02
CA HIS A 43 -21.09 -11.81 0.55
C HIS A 43 -19.96 -12.36 1.40
N VAL A 44 -19.45 -11.59 2.38
CA VAL A 44 -18.40 -12.05 3.26
C VAL A 44 -18.88 -12.13 4.70
N PHE A 45 -19.62 -11.12 5.16
CA PHE A 45 -19.98 -10.96 6.56
C PHE A 45 -21.45 -11.21 6.78
N LYS A 46 -21.73 -12.02 7.81
CA LYS A 46 -23.07 -12.39 8.19
C LYS A 46 -23.63 -11.46 9.27
N SER A 47 -22.78 -11.07 10.24
CA SER A 47 -23.28 -10.19 11.31
C SER A 47 -22.13 -9.47 11.95
N GLY A 48 -22.48 -8.36 12.64
CA GLY A 48 -21.50 -7.60 13.41
C GLY A 48 -22.28 -7.06 14.58
N GLU A 49 -21.77 -7.20 15.82
CA GLU A 49 -22.50 -6.63 16.94
C GLU A 49 -21.54 -6.31 18.07
N ILE A 50 -21.99 -5.44 18.95
CA ILE A 50 -21.27 -5.23 20.19
C ILE A 50 -21.72 -6.26 21.20
N ILE A 51 -20.77 -6.95 21.80
CA ILE A 51 -21.08 -8.00 22.79
C ILE A 51 -20.72 -7.55 24.23
N GLU A 52 -19.94 -6.49 24.35
CA GLU A 52 -19.57 -5.93 25.66
C GLU A 52 -19.19 -4.47 25.48
N GLY A 53 -19.63 -3.61 26.42
CA GLY A 53 -19.23 -2.22 26.38
C GLY A 53 -20.27 -1.33 25.73
N ASP A 54 -19.94 -0.05 25.61
CA ASP A 54 -20.88 0.95 25.21
C ASP A 54 -20.61 1.62 23.88
N GLY A 55 -19.64 1.10 23.13
CA GLY A 55 -19.26 1.74 21.89
C GLY A 55 -17.90 2.38 21.95
N GLY A 56 -17.46 2.71 23.17
CA GLY A 56 -16.18 3.36 23.34
C GLY A 56 -15.03 2.44 23.77
N VAL A 57 -14.01 2.99 24.41
CA VAL A 57 -12.92 2.19 24.87
C VAL A 57 -13.41 1.03 25.75
N GLY A 58 -12.87 -0.16 25.49
CA GLY A 58 -13.21 -1.35 26.23
C GLY A 58 -14.24 -2.20 25.50
N THR A 59 -14.87 -1.64 24.47
CA THR A 59 -15.93 -2.34 23.74
C THR A 59 -15.38 -3.56 23.05
N VAL A 60 -16.10 -4.69 23.13
CA VAL A 60 -15.72 -5.87 22.34
C VAL A 60 -16.81 -6.07 21.31
N THR A 61 -16.40 -6.28 20.05
CA THR A 61 -17.35 -6.60 19.00
C THR A 61 -17.14 -8.03 18.57
N LYS A 62 -18.20 -8.64 18.05
CA LYS A 62 -18.12 -9.97 17.44
C LYS A 62 -18.56 -9.85 15.99
N ILE A 63 -17.74 -10.30 15.05
CA ILE A 63 -18.09 -10.29 13.64
C ILE A 63 -18.13 -11.73 13.23
N THR A 64 -19.15 -12.14 12.49
N THR A 64 -19.12 -12.10 12.42
CA THR A 64 -19.14 -13.49 11.99
CA THR A 64 -19.30 -13.50 12.05
C THR A 64 -19.16 -13.48 10.46
C THR A 64 -19.36 -13.60 10.50
N PHE A 65 -18.61 -14.53 9.90
CA PHE A 65 -18.56 -14.64 8.46
C PHE A 65 -19.74 -15.44 7.94
N VAL A 66 -20.07 -15.25 6.65
CA VAL A 66 -21.13 -16.06 6.05
C VAL A 66 -20.76 -17.54 5.97
N ASP A 67 -21.77 -18.36 5.73
N ASP A 67 -21.77 -18.36 5.78
CA ASP A 67 -21.62 -19.82 5.66
CA ASP A 67 -21.57 -19.79 5.51
C ASP A 67 -20.47 -20.30 4.79
C ASP A 67 -20.83 -19.96 4.22
N GLY A 68 -20.46 -19.88 3.53
N GLY A 68 -19.91 -20.92 4.19
CA GLY A 68 -19.52 -20.41 2.54
CA GLY A 68 -19.11 -21.19 3.00
C GLY A 68 -18.11 -19.83 2.61
C GLY A 68 -17.80 -20.44 3.02
N HIS A 69 -17.73 -19.35 3.78
CA HIS A 69 -16.45 -18.64 3.96
C HIS A 69 -15.58 -19.54 4.80
N PRO A 70 -14.26 -19.57 4.53
CA PRO A 70 -13.30 -20.36 5.31
C PRO A 70 -13.24 -19.96 6.81
N LEU A 71 -13.57 -18.71 7.13
CA LEU A 71 -13.43 -18.22 8.50
C LEU A 71 -14.81 -18.23 9.17
N THR A 72 -14.81 -18.17 10.52
CA THR A 72 -16.06 -18.26 11.28
C THR A 72 -16.38 -16.98 12.07
N TYR A 73 -15.50 -16.55 12.96
CA TYR A 73 -15.80 -15.32 13.70
C TYR A 73 -14.53 -14.66 14.20
N MET A 74 -14.64 -13.40 14.59
CA MET A 74 -13.53 -12.68 15.18
C MET A 74 -14.07 -11.82 16.31
N LEU A 75 -13.30 -11.69 17.40
CA LEU A 75 -13.63 -10.67 18.42
C LEU A 75 -12.52 -9.61 18.40
N HIS A 76 -12.91 -8.33 18.45
CA HIS A 76 -11.96 -7.22 18.53
C HIS A 76 -12.31 -6.40 19.76
N LYS A 77 -11.29 -5.76 20.35
CA LYS A 77 -11.55 -4.87 21.49
C LYS A 77 -10.98 -3.48 21.14
N PHE A 78 -11.70 -2.44 21.53
N PHE A 78 -11.74 -2.45 21.47
CA PHE A 78 -11.24 -1.07 21.31
CA PHE A 78 -11.27 -1.05 21.30
C PHE A 78 -10.37 -0.60 22.46
C PHE A 78 -10.35 -0.72 22.46
N ASP A 79 -9.10 -0.37 22.14
CA ASP A 79 -8.13 -0.02 23.19
C ASP A 79 -8.05 1.49 23.47
N GLU A 80 -8.08 2.27 22.40
CA GLU A 80 -7.95 3.71 22.51
C GLU A 80 -8.83 4.28 21.42
N ILE A 81 -9.55 5.35 21.73
CA ILE A 81 -10.30 6.08 20.70
C ILE A 81 -10.12 7.56 20.92
N ASP A 82 -9.72 8.27 19.86
CA ASP A 82 -9.70 9.72 19.87
C ASP A 82 -10.41 10.16 18.59
N ALA A 83 -11.73 10.32 18.70
CA ALA A 83 -12.52 10.51 17.49
C ALA A 83 -12.21 11.83 16.80
N ALA A 84 -11.90 12.89 17.56
CA ALA A 84 -11.64 14.19 16.97
C ALA A 84 -10.38 14.17 16.10
N ASN A 85 -9.41 13.33 16.46
CA ASN A 85 -8.22 13.15 15.65
C ASN A 85 -8.27 11.95 14.73
N PHE A 86 -9.43 11.30 14.68
CA PHE A 86 -9.62 10.13 13.83
C PHE A 86 -8.57 9.09 14.11
N TYR A 87 -8.40 8.78 15.40
CA TYR A 87 -7.39 7.77 15.77
C TYR A 87 -8.07 6.69 16.54
N CYS A 88 -7.69 5.45 16.26
CA CYS A 88 -8.13 4.34 17.12
C CYS A 88 -7.05 3.25 17.17
N LYS A 89 -6.82 2.68 18.35
CA LYS A 89 -6.07 1.44 18.48
C LYS A 89 -7.07 0.35 18.89
N TYR A 90 -7.08 -0.77 18.17
CA TYR A 90 -7.93 -1.90 18.57
C TYR A 90 -7.20 -3.22 18.32
N THR A 91 -7.67 -4.28 18.97
CA THR A 91 -6.94 -5.56 18.95
C THR A 91 -7.86 -6.68 18.55
N LEU A 92 -7.45 -7.44 17.55
CA LEU A 92 -8.09 -8.71 17.23
C LEU A 92 -7.52 -9.73 18.20
N PHE A 93 -8.35 -10.18 19.14
CA PHE A 93 -7.79 -11.05 20.18
C PHE A 93 -8.33 -12.48 20.17
N GLU A 94 -9.33 -12.78 19.34
CA GLU A 94 -9.90 -14.12 19.33
C GLU A 94 -10.50 -14.40 17.99
N GLY A 95 -10.35 -15.63 17.52
CA GLY A 95 -11.05 -16.05 16.31
C GLY A 95 -10.24 -17.09 15.54
N ASP A 96 -10.89 -17.87 14.67
CA ASP A 96 -10.19 -18.91 13.96
CA ASP A 96 -10.13 -18.91 14.01
C ASP A 96 -9.17 -18.36 12.97
N VAL A 97 -9.33 -17.10 12.56
CA VAL A 97 -8.35 -16.50 11.67
C VAL A 97 -6.94 -16.43 12.32
N LEU A 98 -6.88 -16.43 13.65
CA LEU A 98 -5.57 -16.42 14.34
C LEU A 98 -4.88 -17.79 14.30
N ARG A 99 -5.63 -18.82 13.88
CA ARG A 99 -5.11 -20.19 13.87
C ARG A 99 -4.49 -20.53 15.22
N ASP A 100 -3.35 -21.22 15.21
CA ASP A 100 -2.70 -21.63 16.45
C ASP A 100 -1.49 -20.76 16.87
N ASN A 101 -0.99 -19.98 15.93
CA ASN A 101 0.34 -19.40 16.12
C ASN A 101 0.29 -17.94 16.47
N ILE A 102 -0.83 -17.25 16.22
CA ILE A 102 -0.91 -15.83 16.53
C ILE A 102 -1.71 -15.56 17.82
N GLU A 103 -1.11 -14.83 18.75
CA GLU A 103 -1.81 -14.43 19.98
C GLU A 103 -2.86 -13.34 19.72
N LYS A 104 -2.47 -12.29 19.00
CA LYS A 104 -3.36 -11.15 18.73
C LYS A 104 -2.76 -10.33 17.59
N VAL A 105 -3.61 -9.53 16.99
CA VAL A 105 -3.14 -8.56 15.99
C VAL A 105 -3.60 -7.19 16.48
N VAL A 106 -2.66 -6.23 16.56
CA VAL A 106 -2.99 -4.92 17.08
C VAL A 106 -2.97 -3.93 15.91
N TYR A 107 -4.02 -3.11 15.82
CA TYR A 107 -4.23 -2.19 14.70
C TYR A 107 -4.23 -0.76 15.20
N GLU A 108 -3.56 0.14 14.48
CA GLU A 108 -3.76 1.56 14.79
C GLU A 108 -4.18 2.23 13.52
N VAL A 109 -5.30 2.94 13.56
CA VAL A 109 -5.80 3.66 12.38
C VAL A 109 -5.69 5.16 12.68
N LYS A 110 -5.20 5.93 11.71
CA LYS A 110 -5.15 7.40 11.89
C LYS A 110 -5.52 8.07 10.59
N LEU A 111 -6.55 8.92 10.59
CA LEU A 111 -6.92 9.63 9.36
C LEU A 111 -6.74 11.12 9.60
N GLU A 112 -6.62 11.85 8.50
CA GLU A 112 -6.79 13.31 8.57
C GLU A 112 -7.41 13.81 7.29
N ALA A 113 -8.04 14.98 7.40
CA ALA A 113 -8.66 15.60 6.21
C ALA A 113 -7.63 16.06 5.20
N VAL A 114 -7.89 15.80 3.92
CA VAL A 114 -7.06 16.37 2.84
C VAL A 114 -8.09 16.84 1.82
N GLY A 115 -8.18 18.15 1.64
CA GLY A 115 -9.29 18.77 0.91
C GLY A 115 -10.65 18.24 1.36
N GLY A 116 -11.33 17.56 0.44
CA GLY A 116 -12.66 16.99 0.69
C GLY A 116 -12.65 15.47 1.00
N GLY A 117 -11.45 14.89 1.00
CA GLY A 117 -11.25 13.49 1.30
C GLY A 117 -10.32 13.31 2.52
N SER A 118 -9.54 12.23 2.52
CA SER A 118 -8.76 11.82 3.66
C SER A 118 -7.38 11.34 3.23
N LYS A 119 -6.42 11.41 4.15
CA LYS A 119 -5.23 10.60 4.08
C LYS A 119 -5.26 9.66 5.30
N GLY A 120 -5.04 8.37 5.05
CA GLY A 120 -5.14 7.34 6.09
C GLY A 120 -3.82 6.64 6.31
N LYS A 121 -3.53 6.24 7.53
CA LYS A 121 -2.34 5.45 7.81
C LYS A 121 -2.83 4.31 8.73
N ILE A 122 -2.46 3.07 8.46
CA ILE A 122 -2.81 1.99 9.39
C ILE A 122 -1.52 1.27 9.73
N THR A 123 -1.34 0.91 10.98
CA THR A 123 -0.23 0.07 11.38
CA THR A 123 -0.22 0.04 11.36
C THR A 123 -0.81 -1.24 11.88
N VAL A 124 -0.22 -2.38 11.47
CA VAL A 124 -0.78 -3.67 11.87
C VAL A 124 0.34 -4.47 12.49
N THR A 125 0.18 -4.99 13.71
CA THR A 125 1.26 -5.73 14.37
C THR A 125 0.75 -7.07 14.72
N TYR A 126 1.40 -8.08 14.15
CA TYR A 126 1.06 -9.49 14.42
C TYR A 126 1.95 -9.98 15.54
N HIS A 127 1.34 -10.51 16.62
CA HIS A 127 2.09 -10.94 17.80
C HIS A 127 2.01 -12.44 17.86
N PRO A 128 3.13 -13.14 17.62
CA PRO A 128 3.07 -14.60 17.69
C PRO A 128 3.05 -15.08 19.15
N LYS A 129 2.45 -16.24 19.40
CA LYS A 129 2.59 -16.86 20.74
C LYS A 129 4.01 -17.30 20.99
N PRO A 130 4.40 -17.41 22.27
CA PRO A 130 5.75 -17.89 22.55
C PRO A 130 6.00 -19.23 21.91
N GLY A 131 7.13 -19.38 21.23
CA GLY A 131 7.48 -20.63 20.59
C GLY A 131 6.89 -20.75 19.20
N CYS A 132 6.21 -19.68 18.75
CA CYS A 132 5.64 -19.65 17.44
C CYS A 132 6.19 -18.47 16.61
N THR A 133 5.86 -18.49 15.33
CA THR A 133 6.39 -17.49 14.42
C THR A 133 5.22 -16.95 13.65
N VAL A 134 5.43 -15.81 12.99
CA VAL A 134 4.45 -15.24 12.08
C VAL A 134 4.82 -15.63 10.68
N ASN A 135 3.90 -16.27 9.98
CA ASN A 135 4.12 -16.72 8.64
C ASN A 135 3.81 -15.62 7.63
N GLU A 136 4.78 -15.25 6.81
CA GLU A 136 4.60 -14.10 5.91
C GLU A 136 3.55 -14.31 4.82
N GLU A 137 3.45 -15.50 4.25
CA GLU A 137 2.40 -15.76 3.27
C GLU A 137 1.01 -15.63 3.90
N GLU A 138 0.85 -16.15 5.10
CA GLU A 138 -0.41 -15.95 5.82
C GLU A 138 -0.72 -14.45 6.02
N VAL A 139 0.30 -13.65 6.33
CA VAL A 139 0.06 -12.24 6.55
C VAL A 139 -0.32 -11.63 5.23
N LYS A 140 0.34 -12.08 4.17
CA LYS A 140 0.03 -11.49 2.84
C LYS A 140 -1.42 -11.73 2.43
N ILE A 141 -1.90 -12.93 2.66
CA ILE A 141 -3.26 -13.29 2.28
C ILE A 141 -4.28 -12.54 3.13
N GLY A 142 -3.98 -12.40 4.41
CA GLY A 142 -4.90 -11.72 5.31
C GLY A 142 -4.98 -10.25 4.91
N GLU A 143 -3.82 -9.69 4.58
CA GLU A 143 -3.74 -8.27 4.27
C GLU A 143 -4.37 -7.97 2.91
N LYS A 144 -4.28 -8.92 1.98
CA LYS A 144 -4.97 -8.75 0.67
C LYS A 144 -6.47 -8.67 0.89
N LYS A 145 -7.00 -9.58 1.72
CA LYS A 145 -8.41 -9.59 2.06
C LYS A 145 -8.83 -8.37 2.87
N ALA A 146 -7.95 -7.90 3.75
CA ALA A 146 -8.26 -6.68 4.49
C ALA A 146 -8.37 -5.51 3.52
N TYR A 147 -7.50 -5.49 2.52
CA TYR A 147 -7.47 -4.37 1.59
C TYR A 147 -8.72 -4.41 0.69
N GLU A 148 -9.15 -5.62 0.33
CA GLU A 148 -10.45 -5.76 -0.36
C GLU A 148 -11.63 -5.19 0.44
N PHE A 149 -11.74 -5.56 1.73
CA PHE A 149 -12.73 -4.95 2.62
C PHE A 149 -12.62 -3.42 2.61
N TYR A 150 -11.42 -2.89 2.76
CA TYR A 150 -11.27 -1.47 2.85
C TYR A 150 -11.80 -0.83 1.59
N LYS A 151 -11.38 -1.35 0.43
CA LYS A 151 -11.79 -0.70 -0.83
C LYS A 151 -13.28 -0.90 -1.08
N GLN A 152 -13.87 -2.01 -0.61
CA GLN A 152 -15.30 -2.19 -0.81
C GLN A 152 -16.14 -1.35 0.15
N VAL A 153 -15.63 -1.06 1.35
CA VAL A 153 -16.28 -0.08 2.21
C VAL A 153 -16.22 1.28 1.55
N GLU A 154 -15.06 1.65 1.00
CA GLU A 154 -14.92 2.94 0.34
C GLU A 154 -15.93 3.01 -0.84
N GLU A 155 -16.00 1.95 -1.63
N GLU A 155 -16.05 1.96 -1.64
CA GLU A 155 -16.96 1.84 -2.73
CA GLU A 155 -17.00 1.96 -2.78
C GLU A 155 -18.36 2.15 -2.21
C GLU A 155 -18.46 2.03 -2.30
N TYR A 156 -18.75 1.40 -1.17
CA TYR A 156 -20.07 1.52 -0.57
C TYR A 156 -20.35 2.96 -0.12
N LEU A 157 -19.40 3.61 0.55
CA LEU A 157 -19.64 4.97 1.02
C LEU A 157 -19.74 5.92 -0.17
N ALA A 158 -19.00 5.65 -1.25
CA ALA A 158 -19.16 6.54 -2.41
C ALA A 158 -20.51 6.37 -3.11
N ALA A 159 -21.03 5.15 -3.10
CA ALA A 159 -22.32 4.84 -3.75
C ALA A 159 -23.49 5.32 -2.87
N ASN A 160 -23.21 5.58 -1.59
CA ASN A 160 -24.25 5.95 -0.60
C ASN A 160 -23.80 7.15 0.21
N PRO A 161 -23.77 8.32 -0.44
CA PRO A 161 -23.11 9.51 0.11
C PRO A 161 -23.74 9.99 1.40
N GLU A 162 -24.99 9.69 1.65
CA GLU A 162 -25.65 10.10 2.89
C GLU A 162 -25.14 9.35 4.11
N VAL A 163 -24.55 8.17 3.91
CA VAL A 163 -24.22 7.32 5.06
C VAL A 163 -23.04 7.93 5.85
N PHE A 164 -23.30 8.12 7.15
CA PHE A 164 -22.37 8.80 8.08
C PHE A 164 -22.06 10.25 7.73
N ALA A 165 -22.78 10.84 6.78
CA ALA A 165 -22.45 12.19 6.37
C ALA A 165 -22.93 13.15 7.47
N ILE B 2 4.20 1.41 17.81
CA ILE B 2 4.91 0.17 17.39
C ILE B 2 6.39 0.18 17.79
N ASP B 3 6.98 -1.02 17.79
CA ASP B 3 8.44 -1.17 17.90
C ASP B 3 8.99 -1.10 16.47
N PRO B 4 9.69 -0.01 16.12
CA PRO B 4 10.08 0.14 14.71
C PRO B 4 10.92 -1.01 14.14
N PHE B 5 11.59 -1.80 14.98
CA PHE B 5 12.47 -2.85 14.50
C PHE B 5 11.72 -4.18 14.41
N THR B 6 10.39 -4.10 14.47
CA THR B 6 9.57 -5.22 14.09
C THR B 6 8.97 -4.98 12.72
N MET B 7 9.28 -3.83 12.09
CA MET B 7 8.65 -3.48 10.82
C MET B 7 9.15 -4.36 9.67
N ALA B 8 8.21 -5.02 9.00
CA ALA B 8 8.52 -5.90 7.87
C ALA B 8 8.29 -5.15 6.57
N ALA B 9 7.40 -4.16 6.61
CA ALA B 9 7.06 -3.41 5.38
C ALA B 9 6.41 -2.04 5.66
N TYR B 10 6.74 -1.03 4.85
CA TYR B 10 6.05 0.25 4.93
C TYR B 10 5.58 0.51 3.52
N THR B 11 4.27 0.61 3.33
CA THR B 11 3.72 0.71 1.97
C THR B 11 2.98 2.02 1.80
N ILE B 12 3.19 2.71 0.69
CA ILE B 12 2.39 3.90 0.39
CA ILE B 12 2.41 3.90 0.39
C ILE B 12 1.71 3.70 -0.93
N VAL B 13 0.47 4.18 -1.01
CA VAL B 13 -0.29 4.01 -2.27
C VAL B 13 -0.63 5.39 -2.78
N LYS B 14 -0.32 5.62 -4.07
CA LYS B 14 -0.61 6.89 -4.72
C LYS B 14 -1.38 6.68 -5.98
N GLU B 15 -2.36 7.54 -6.24
CA GLU B 15 -3.13 7.43 -7.45
C GLU B 15 -3.29 8.81 -8.08
N GLU B 16 -3.24 8.88 -9.41
CA GLU B 16 -3.41 10.15 -10.08
C GLU B 16 -4.19 9.94 -11.39
N GLU B 17 -4.96 10.94 -11.78
N GLU B 17 -4.91 10.99 -11.77
CA GLU B 17 -5.60 10.92 -13.10
CA GLU B 17 -5.55 11.03 -13.07
C GLU B 17 -4.75 11.83 -14.00
C GLU B 17 -4.59 11.78 -13.99
N SER B 18 -4.57 11.43 -15.27
CA SER B 18 -3.70 12.14 -16.21
C SER B 18 -4.39 12.26 -17.58
N PRO B 19 -4.16 13.36 -18.29
CA PRO B 19 -4.68 13.39 -19.68
C PRO B 19 -3.89 12.51 -20.66
N ILE B 20 -2.74 12.00 -20.26
CA ILE B 20 -1.84 11.25 -21.16
C ILE B 20 -2.35 9.79 -21.25
N ALA B 21 -2.31 9.20 -22.45
CA ALA B 21 -2.79 7.85 -22.66
C ALA B 21 -1.90 6.85 -21.90
N PRO B 22 -2.51 5.75 -21.40
CA PRO B 22 -1.76 4.88 -20.50
C PRO B 22 -0.60 4.17 -21.22
N HIS B 23 -0.71 3.84 -22.49
CA HIS B 23 0.48 3.20 -23.09
C HIS B 23 1.68 4.13 -23.13
N ARG B 24 1.44 5.44 -23.24
CA ARG B 24 2.57 6.37 -23.25
C ARG B 24 3.18 6.49 -21.87
N LEU B 25 2.33 6.57 -20.82
CA LEU B 25 2.87 6.66 -19.46
C LEU B 25 3.60 5.38 -19.10
N PHE B 26 3.10 4.25 -19.58
CA PHE B 26 3.64 2.95 -19.15
C PHE B 26 5.00 2.78 -19.86
N LYS B 27 5.08 3.23 -21.10
CA LYS B 27 6.36 3.09 -21.77
C LYS B 27 7.41 4.03 -21.11
N ALA B 28 7.01 5.25 -20.78
CA ALA B 28 7.96 6.22 -20.21
C ALA B 28 8.33 5.86 -18.80
N LEU B 29 7.37 5.39 -17.98
CA LEU B 29 7.60 5.29 -16.54
C LEU B 29 7.90 3.87 -16.07
N VAL B 30 7.76 2.90 -16.98
CA VAL B 30 8.06 1.50 -16.64
C VAL B 30 9.02 0.88 -17.65
N LEU B 31 8.58 0.69 -18.90
CA LEU B 31 9.42 -0.07 -19.83
C LEU B 31 10.76 0.64 -20.11
N GLU B 32 10.72 1.95 -20.24
CA GLU B 32 11.94 2.68 -20.56
C GLU B 32 12.33 3.63 -19.49
N ARG B 33 11.86 3.39 -18.28
N ARG B 33 11.87 3.39 -18.26
CA ARG B 33 12.17 4.25 -17.15
CA ARG B 33 12.19 4.28 -17.15
C ARG B 33 13.67 4.47 -16.99
C ARG B 33 13.69 4.49 -16.99
N HIS B 34 14.45 3.43 -17.23
CA HIS B 34 15.91 3.53 -17.04
C HIS B 34 16.57 4.60 -17.97
N GLN B 35 16.02 4.82 -19.17
CA GLN B 35 16.50 5.86 -20.10
C GLN B 35 15.80 7.20 -19.81
N VAL B 36 14.50 7.14 -19.53
CA VAL B 36 13.71 8.38 -19.31
C VAL B 36 14.22 9.12 -18.07
N LEU B 37 14.64 8.40 -17.02
CA LEU B 37 15.19 9.05 -15.84
C LEU B 37 16.44 9.87 -16.17
N VAL B 38 17.29 9.32 -17.06
CA VAL B 38 18.52 10.04 -17.42
C VAL B 38 18.14 11.31 -18.20
N LYS B 39 17.19 11.17 -19.11
CA LYS B 39 16.76 12.37 -19.87
C LYS B 39 16.16 13.41 -18.94
N ALA B 40 15.40 12.93 -17.96
CA ALA B 40 14.71 13.83 -17.03
C ALA B 40 15.67 14.54 -16.08
N GLN B 41 16.70 13.83 -15.62
CA GLN B 41 17.58 14.31 -14.53
C GLN B 41 19.05 14.05 -14.84
N PRO B 42 19.58 14.71 -15.87
CA PRO B 42 20.93 14.45 -16.33
C PRO B 42 21.97 15.02 -15.34
N HIS B 43 21.54 15.80 -14.35
CA HIS B 43 22.45 16.29 -13.31
C HIS B 43 22.58 15.24 -12.23
N VAL B 44 21.74 14.21 -12.32
CA VAL B 44 21.78 13.15 -11.34
C VAL B 44 22.29 11.82 -11.93
N PHE B 45 21.78 11.46 -13.10
CA PHE B 45 22.07 10.15 -13.67
C PHE B 45 22.83 10.27 -14.97
N LYS B 46 23.82 9.41 -15.20
CA LYS B 46 24.53 9.43 -16.46
C LYS B 46 24.21 8.29 -17.42
N SER B 47 23.55 7.23 -16.92
CA SER B 47 23.20 6.14 -17.84
C SER B 47 22.14 5.25 -17.23
N GLY B 48 21.34 4.65 -18.10
CA GLY B 48 20.38 3.63 -17.67
C GLY B 48 20.41 2.56 -18.74
N GLU B 49 20.60 1.30 -18.35
CA GLU B 49 20.77 0.24 -19.35
C GLU B 49 20.18 -1.07 -18.85
N ILE B 50 19.89 -1.96 -19.77
CA ILE B 50 19.48 -3.33 -19.44
C ILE B 50 20.73 -4.18 -19.38
N ILE B 51 20.92 -4.88 -18.26
CA ILE B 51 22.07 -5.77 -18.09
C ILE B 51 21.68 -7.27 -18.13
N GLU B 52 20.39 -7.54 -17.95
N GLU B 52 20.40 -7.59 -18.00
CA GLU B 52 19.83 -8.88 -18.15
CA GLU B 52 19.96 -8.99 -18.16
C GLU B 52 18.51 -8.81 -18.91
C GLU B 52 18.53 -9.00 -18.72
N GLY B 53 18.26 -9.79 -19.76
CA GLY B 53 16.96 -9.85 -20.40
C GLY B 53 16.82 -8.86 -21.53
N ASP B 54 15.60 -8.71 -22.00
CA ASP B 54 15.37 -7.85 -23.14
C ASP B 54 14.20 -6.96 -22.93
N GLY B 55 13.71 -6.86 -21.69
CA GLY B 55 12.53 -6.07 -21.41
C GLY B 55 11.32 -6.86 -20.94
N GLY B 56 11.41 -8.17 -20.99
CA GLY B 56 10.35 -9.00 -20.41
C GLY B 56 10.59 -9.32 -18.95
N VAL B 57 9.78 -10.20 -18.38
CA VAL B 57 9.97 -10.60 -17.00
C VAL B 57 11.40 -11.12 -16.75
N GLY B 58 12.02 -10.70 -15.65
CA GLY B 58 13.35 -11.14 -15.27
C GLY B 58 14.40 -10.13 -15.70
N THR B 59 13.97 -9.12 -16.45
CA THR B 59 14.89 -8.09 -16.97
C THR B 59 15.47 -7.40 -15.76
N VAL B 60 16.76 -7.12 -15.81
CA VAL B 60 17.39 -6.33 -14.77
C VAL B 60 17.99 -5.11 -15.43
N THR B 61 17.81 -3.92 -14.84
CA THR B 61 18.43 -2.70 -15.33
C THR B 61 19.44 -2.20 -14.32
N LYS B 62 20.40 -1.44 -14.81
CA LYS B 62 21.31 -0.71 -13.97
C LYS B 62 21.28 0.78 -14.35
N ILE B 63 21.06 1.61 -13.35
CA ILE B 63 21.03 3.06 -13.53
C ILE B 63 22.22 3.58 -12.75
N THR B 64 23.03 4.38 -13.40
CA THR B 64 24.30 4.84 -12.85
C THR B 64 24.25 6.37 -12.66
N PHE B 65 24.70 6.84 -11.51
CA PHE B 65 24.63 8.25 -11.15
C PHE B 65 25.83 8.95 -11.76
N VAL B 66 25.76 10.28 -11.88
CA VAL B 66 26.88 11.04 -12.44
C VAL B 66 28.10 10.92 -11.51
N ASP B 67 29.30 11.13 -12.04
N ASP B 67 29.28 11.09 -12.09
CA ASP B 67 30.51 10.91 -11.24
CA ASP B 67 30.52 11.12 -11.32
C ASP B 67 30.45 11.58 -9.86
C ASP B 67 30.41 12.29 -10.37
N GLY B 68 30.29 12.91 -9.86
N GLY B 68 30.93 12.12 -9.16
CA GLY B 68 30.41 13.70 -8.64
CA GLY B 68 30.82 13.18 -8.17
C GLY B 68 29.31 13.48 -7.62
C GLY B 68 29.58 13.05 -7.31
N HIS B 69 28.50 12.45 -7.83
CA HIS B 69 27.34 12.23 -6.98
C HIS B 69 27.81 11.30 -5.88
N PRO B 70 27.30 11.50 -4.65
CA PRO B 70 27.63 10.64 -3.51
C PRO B 70 27.21 9.19 -3.75
N LEU B 71 26.07 9.01 -4.42
CA LEU B 71 25.55 7.68 -4.72
C LEU B 71 26.15 7.18 -6.05
N THR B 72 26.02 5.89 -6.34
CA THR B 72 26.66 5.36 -7.57
C THR B 72 25.72 4.59 -8.48
N TYR B 73 24.88 3.71 -7.94
CA TYR B 73 24.06 2.90 -8.84
C TYR B 73 22.82 2.34 -8.17
N MET B 74 21.92 1.87 -9.04
CA MET B 74 20.73 1.15 -8.61
C MET B 74 20.48 0.01 -9.58
N LEU B 75 20.11 -1.16 -9.05
CA LEU B 75 19.60 -2.25 -9.87
C LEU B 75 18.13 -2.51 -9.61
N HIS B 76 17.34 -2.60 -10.69
CA HIS B 76 15.93 -2.95 -10.59
C HIS B 76 15.68 -4.21 -11.37
N LYS B 77 14.77 -5.05 -10.90
CA LYS B 77 14.38 -6.25 -11.64
C LYS B 77 12.87 -6.25 -11.89
N PHE B 78 12.45 -6.68 -13.08
N PHE B 78 12.45 -6.56 -13.12
CA PHE B 78 11.04 -6.77 -13.40
CA PHE B 78 11.04 -6.78 -13.41
C PHE B 78 10.45 -8.11 -13.00
C PHE B 78 10.61 -8.13 -12.85
N ASP B 79 9.65 -8.09 -11.94
CA ASP B 79 9.11 -9.34 -11.38
C ASP B 79 7.94 -9.88 -12.17
N GLU B 80 7.08 -8.98 -12.63
CA GLU B 80 5.90 -9.36 -13.42
C GLU B 80 5.63 -8.22 -14.36
N ILE B 81 5.22 -8.52 -15.58
CA ILE B 81 4.84 -7.46 -16.49
CA ILE B 81 4.84 -7.47 -16.53
C ILE B 81 3.70 -7.93 -17.37
N ASP B 82 2.71 -7.07 -17.51
CA ASP B 82 1.63 -7.36 -18.44
C ASP B 82 1.35 -6.06 -19.15
N ALA B 83 2.12 -5.82 -20.22
CA ALA B 83 2.13 -4.54 -20.87
C ALA B 83 0.80 -4.14 -21.46
N ALA B 84 0.06 -5.10 -22.03
CA ALA B 84 -1.22 -4.76 -22.64
C ALA B 84 -2.24 -4.26 -21.61
N ASN B 85 -2.08 -4.68 -20.37
CA ASN B 85 -2.92 -4.24 -19.28
C ASN B 85 -2.26 -3.19 -18.38
N PHE B 86 -1.17 -2.62 -18.87
CA PHE B 86 -0.45 -1.57 -18.15
C PHE B 86 -0.12 -1.95 -16.72
N TYR B 87 0.38 -3.17 -16.54
CA TYR B 87 0.72 -3.64 -15.19
C TYR B 87 2.15 -4.06 -15.07
N CYS B 88 2.84 -3.67 -13.99
CA CYS B 88 4.19 -4.20 -13.76
C CYS B 88 4.50 -4.16 -12.28
N LYS B 89 5.17 -5.21 -11.79
CA LYS B 89 5.79 -5.15 -10.48
C LYS B 89 7.28 -5.22 -10.71
N TYR B 90 8.02 -4.27 -10.16
CA TYR B 90 9.45 -4.29 -10.30
C TYR B 90 10.07 -3.90 -8.98
N THR B 91 11.33 -4.30 -8.75
CA THR B 91 11.90 -4.22 -7.42
C THR B 91 13.27 -3.61 -7.51
N LEU B 92 13.50 -2.58 -6.71
CA LEU B 92 14.83 -2.04 -6.49
C LEU B 92 15.53 -2.93 -5.48
N PHE B 93 16.50 -3.72 -5.93
CA PHE B 93 17.01 -4.79 -5.02
C PHE B 93 18.48 -4.59 -4.59
N GLU B 94 19.14 -3.64 -5.22
N GLU B 94 19.17 -3.69 -5.27
CA GLU B 94 20.54 -3.37 -4.92
CA GLU B 94 20.56 -3.37 -4.92
C GLU B 94 20.89 -1.94 -5.27
C GLU B 94 20.84 -1.92 -5.22
N GLY B 95 21.73 -1.31 -4.46
CA GLY B 95 22.23 0.01 -4.76
C GLY B 95 22.54 0.76 -3.50
N ASP B 96 23.46 1.71 -3.60
CA ASP B 96 23.81 2.45 -2.39
C ASP B 96 22.69 3.39 -1.93
N VAL B 97 21.66 3.60 -2.75
CA VAL B 97 20.55 4.45 -2.31
C VAL B 97 19.80 3.70 -1.19
N LEU B 98 19.99 2.37 -1.10
CA LEU B 98 19.31 1.57 -0.05
C LEU B 98 20.04 1.67 1.29
N ARG B 99 21.22 2.27 1.27
CA ARG B 99 21.98 2.51 2.50
C ARG B 99 22.17 1.17 3.18
N ASP B 100 22.18 1.12 4.51
CA ASP B 100 22.37 -0.11 5.24
C ASP B 100 21.06 -0.75 5.73
N ASN B 101 19.99 0.01 5.72
CA ASN B 101 18.77 -0.44 6.42
C ASN B 101 17.70 -1.04 5.52
N ILE B 102 17.72 -0.73 4.22
CA ILE B 102 16.64 -1.19 3.34
C ILE B 102 17.06 -2.41 2.57
N GLU B 103 16.28 -3.47 2.64
CA GLU B 103 16.57 -4.68 1.85
C GLU B 103 16.24 -4.44 0.38
N LYS B 104 15.02 -3.94 0.13
CA LYS B 104 14.55 -3.73 -1.25
C LYS B 104 13.34 -2.83 -1.22
N VAL B 105 13.01 -2.25 -2.36
CA VAL B 105 11.76 -1.48 -2.50
C VAL B 105 10.99 -2.07 -3.66
N VAL B 106 9.73 -2.43 -3.41
CA VAL B 106 8.94 -3.07 -4.45
C VAL B 106 7.90 -2.06 -4.94
N TYR B 107 7.79 -1.97 -6.27
CA TYR B 107 6.90 -1.03 -6.93
C TYR B 107 5.90 -1.80 -7.76
N GLU B 108 4.62 -1.50 -7.56
CA GLU B 108 3.61 -2.16 -8.32
C GLU B 108 2.77 -1.10 -9.00
N VAL B 109 2.82 -1.09 -10.32
CA VAL B 109 2.18 -0.04 -11.11
C VAL B 109 0.99 -0.64 -11.90
N LYS B 110 -0.14 0.04 -11.91
CA LYS B 110 -1.26 -0.39 -12.74
C LYS B 110 -1.99 0.84 -13.28
N LEU B 111 -2.09 0.98 -14.60
CA LEU B 111 -2.84 2.07 -15.20
CA LEU B 111 -2.85 2.07 -15.21
C LEU B 111 -4.10 1.52 -15.86
N GLU B 112 -5.08 2.39 -16.06
CA GLU B 112 -6.26 2.04 -16.83
C GLU B 112 -6.60 3.25 -17.69
N ALA B 113 -7.10 2.98 -18.88
CA ALA B 113 -7.52 4.05 -19.80
C ALA B 113 -8.77 4.74 -19.23
N VAL B 114 -8.80 6.07 -19.27
CA VAL B 114 -10.00 6.82 -18.88
C VAL B 114 -10.20 7.84 -19.98
N GLY B 115 -11.17 7.63 -20.86
CA GLY B 115 -11.26 8.42 -22.09
C GLY B 115 -9.94 8.33 -22.87
N GLY B 116 -9.41 9.47 -23.25
CA GLY B 116 -8.14 9.52 -23.97
C GLY B 116 -6.94 9.54 -23.02
N GLY B 117 -7.20 9.61 -21.71
CA GLY B 117 -6.13 9.67 -20.72
C GLY B 117 -6.07 8.44 -19.83
N SER B 118 -5.67 8.64 -18.57
CA SER B 118 -5.35 7.53 -17.69
C SER B 118 -5.79 7.77 -16.27
N LYS B 119 -6.01 6.67 -15.55
N LYS B 119 -5.93 6.66 -15.53
CA LYS B 119 -5.91 6.70 -14.09
CA LYS B 119 -5.93 6.70 -14.06
C LYS B 119 -4.74 5.77 -13.78
C LYS B 119 -4.88 5.69 -13.59
N GLY B 120 -3.87 6.16 -12.88
CA GLY B 120 -2.72 5.32 -12.55
C GLY B 120 -2.63 5.15 -11.07
N LYS B 121 -2.15 3.99 -10.64
CA LYS B 121 -1.92 3.73 -9.23
C LYS B 121 -0.56 3.13 -9.10
N ILE B 122 0.16 3.54 -8.07
CA ILE B 122 1.39 2.83 -7.75
C ILE B 122 1.38 2.53 -6.25
N THR B 123 1.87 1.33 -5.92
CA THR B 123 1.98 0.87 -4.54
C THR B 123 3.48 0.68 -4.36
N VAL B 124 4.07 1.37 -3.39
CA VAL B 124 5.49 1.33 -3.15
C VAL B 124 5.74 0.75 -1.77
N THR B 125 6.47 -0.36 -1.69
CA THR B 125 6.69 -0.95 -0.36
C THR B 125 8.15 -1.01 -0.05
N TYR B 126 8.53 -0.36 1.06
CA TYR B 126 9.89 -0.45 1.54
C TYR B 126 10.00 -1.63 2.50
N HIS B 127 10.97 -2.52 2.26
CA HIS B 127 11.20 -3.69 3.10
C HIS B 127 12.51 -3.47 3.83
N PRO B 128 12.48 -3.23 5.15
CA PRO B 128 13.74 -3.11 5.89
C PRO B 128 14.42 -4.46 6.02
N LYS B 129 15.74 -4.42 6.17
CA LYS B 129 16.46 -5.63 6.56
C LYS B 129 16.05 -6.06 7.96
N PRO B 130 16.13 -7.36 8.25
CA PRO B 130 15.79 -7.77 9.61
C PRO B 130 16.67 -7.04 10.62
N GLY B 131 16.07 -6.53 11.69
CA GLY B 131 16.85 -5.81 12.69
C GLY B 131 16.99 -4.34 12.29
N CYS B 132 16.42 -3.94 11.15
CA CYS B 132 16.51 -2.53 10.75
C CYS B 132 15.11 -1.96 10.56
N THR B 133 15.01 -0.66 10.31
CA THR B 133 13.69 -0.04 10.17
C THR B 133 13.75 0.99 9.06
N VAL B 134 12.57 1.41 8.60
CA VAL B 134 12.41 2.47 7.60
C VAL B 134 11.58 3.53 8.28
N ASN B 135 12.07 4.76 8.36
CA ASN B 135 11.27 5.81 9.02
C ASN B 135 10.37 6.58 8.04
N GLU B 136 9.34 7.23 8.59
CA GLU B 136 8.41 7.99 7.78
C GLU B 136 9.13 8.99 6.87
N GLU B 137 10.21 9.61 7.38
CA GLU B 137 10.89 10.67 6.64
C GLU B 137 11.58 10.18 5.36
N GLU B 138 12.15 8.98 5.41
CA GLU B 138 12.75 8.36 4.24
C GLU B 138 11.70 8.12 3.21
N VAL B 139 10.55 7.61 3.65
CA VAL B 139 9.49 7.30 2.72
C VAL B 139 8.94 8.59 2.10
N LYS B 140 8.88 9.66 2.90
CA LYS B 140 8.33 10.92 2.38
C LYS B 140 9.23 11.54 1.35
N ILE B 141 10.53 11.38 1.55
CA ILE B 141 11.49 11.78 0.54
C ILE B 141 11.31 10.94 -0.73
N GLY B 142 11.11 9.63 -0.62
CA GLY B 142 10.90 8.82 -1.83
C GLY B 142 9.64 9.22 -2.58
N GLU B 143 8.58 9.52 -1.83
CA GLU B 143 7.33 9.94 -2.46
CA GLU B 143 7.31 9.94 -2.43
C GLU B 143 7.49 11.22 -3.24
N LYS B 144 8.23 12.17 -2.68
CA LYS B 144 8.36 13.47 -3.32
C LYS B 144 9.18 13.37 -4.59
N LYS B 145 10.29 12.62 -4.52
N LYS B 145 10.27 12.62 -4.51
CA LYS B 145 11.13 12.37 -5.68
CA LYS B 145 11.14 12.38 -5.67
C LYS B 145 10.30 11.75 -6.77
C LYS B 145 10.38 11.68 -6.78
N ALA B 146 9.56 10.69 -6.42
CA ALA B 146 8.79 9.95 -7.43
C ALA B 146 7.78 10.89 -8.08
N TYR B 147 7.10 11.69 -7.25
CA TYR B 147 6.05 12.53 -7.78
C TYR B 147 6.64 13.58 -8.74
N GLU B 148 7.81 14.11 -8.39
CA GLU B 148 8.42 15.16 -9.20
C GLU B 148 8.83 14.61 -10.57
N PHE B 149 9.34 13.38 -10.57
CA PHE B 149 9.73 12.71 -11.83
C PHE B 149 8.48 12.41 -12.68
N TYR B 150 7.42 11.93 -12.03
CA TYR B 150 6.18 11.61 -12.70
C TYR B 150 5.64 12.85 -13.39
N LYS B 151 5.61 13.97 -12.67
CA LYS B 151 5.07 15.20 -13.29
C LYS B 151 6.00 15.70 -14.40
N GLN B 152 7.31 15.53 -14.25
CA GLN B 152 8.23 15.94 -15.32
C GLN B 152 7.89 15.23 -16.62
N VAL B 153 7.67 13.92 -16.48
CA VAL B 153 7.40 13.08 -17.62
C VAL B 153 6.04 13.39 -18.19
N GLU B 154 5.05 13.55 -17.34
CA GLU B 154 3.69 13.85 -17.82
C GLU B 154 3.69 15.14 -18.61
N GLU B 155 4.38 16.15 -18.10
CA GLU B 155 4.42 17.45 -18.81
C GLU B 155 5.12 17.31 -20.15
N TYR B 156 6.20 16.55 -20.20
CA TYR B 156 6.98 16.42 -21.43
C TYR B 156 6.14 15.69 -22.47
N LEU B 157 5.38 14.69 -22.03
CA LEU B 157 4.55 13.91 -22.97
C LEU B 157 3.38 14.75 -23.50
N ALA B 158 2.84 15.62 -22.65
CA ALA B 158 1.81 16.56 -23.12
C ALA B 158 2.37 17.53 -24.12
N ALA B 159 3.59 18.00 -23.86
CA ALA B 159 4.17 19.04 -24.73
C ALA B 159 4.69 18.46 -26.05
N ASN B 160 4.85 17.13 -26.11
CA ASN B 160 5.43 16.45 -27.30
C ASN B 160 4.63 15.19 -27.59
N PRO B 161 3.46 15.35 -28.21
CA PRO B 161 2.51 14.23 -28.41
C PRO B 161 3.03 13.08 -29.22
N GLU B 162 4.02 13.33 -30.07
CA GLU B 162 4.55 12.25 -30.87
C GLU B 162 5.39 11.26 -30.06
N VAL B 163 5.86 11.67 -28.88
CA VAL B 163 6.78 10.82 -28.12
C VAL B 163 6.03 9.60 -27.56
N PHE B 164 6.48 8.40 -27.91
CA PHE B 164 5.84 7.15 -27.53
C PHE B 164 4.40 7.05 -28.00
N ALA B 165 4.02 7.81 -29.03
CA ALA B 165 2.65 7.72 -29.52
C ALA B 165 2.30 6.32 -30.03
CL CL C . -24.16 -16.10 20.01
C1 PGE D . -2.17 -1.73 0.29
O1 PGE D . -2.00 -2.91 1.11
C2 PGE D . -1.92 -0.46 1.03
O2 PGE D . -2.79 -0.25 2.15
C3 PGE D . -3.37 1.06 2.14
C4 PGE D . -3.95 1.49 3.44
O4 PGE D . -5.85 -2.29 5.11
C6 PGE D . -6.30 -1.12 4.47
C5 PGE D . -5.16 -0.48 3.78
O3 PGE D . -5.23 0.94 3.71
O1 PG4 E . -13.12 -6.78 9.13
C1 PG4 E . -11.78 -6.67 8.67
C2 PG4 E . -11.63 -7.30 7.33
O2 PG4 E . -11.76 -8.71 7.37
C3 PG4 E . -10.89 -9.41 6.47
C4 PG4 E . -10.49 -10.76 6.96
O3 PG4 E . -9.67 -10.69 8.12
C5 PG4 E . -8.31 -11.08 7.98
C6 PG4 E . -7.60 -10.91 9.28
O4 PG4 E . -6.21 -10.85 9.09
C7 PG4 E . -5.38 -11.03 10.25
C8 PG4 E . -4.84 -12.41 10.45
O5 PG4 E . -3.96 -12.86 9.43
O1 PE8 F . -25.66 2.54 10.50
C2 PE8 F . -25.10 1.72 9.48
C3 PE8 F . -25.20 2.47 8.16
O4 PE8 F . -26.56 2.48 7.75
C5 PE8 F . -26.60 2.66 6.34
C6 PE8 F . -28.05 2.62 5.84
O7 PE8 F . -28.31 1.30 5.37
C8 PE8 F . -29.60 1.22 4.76
C9 PE8 F . -29.55 0.10 3.72
O10 PE8 F . -29.54 -1.17 4.38
C11 PE8 F . -29.52 -2.17 3.37
C12 PE8 F . -28.75 -3.42 3.80
O13 PE8 F . -29.23 -3.96 5.05
C14 PE8 F . -28.38 -5.07 5.43
C15 PE8 F . -28.51 -5.37 6.94
O16 PE8 F . -27.34 -4.96 7.64
C17 PE8 F . -27.58 -4.84 9.06
C18 PE8 F . -26.77 -3.65 9.66
O19 PE8 F . -27.55 -2.95 10.66
C20 PE8 F . -27.22 -1.55 10.84
C21 PE8 F . -28.03 -0.58 9.94
O22 PE8 F . -29.44 -0.59 10.17
C23 PE8 F . -30.15 -0.26 8.95
C24 PE8 F . -31.04 -1.44 8.54
O25 PE8 F . -31.26 -1.49 7.12
O1 PG4 G . -10.67 -3.38 29.35
C1 PG4 G . -11.86 -3.52 30.12
C2 PG4 G . -12.98 -4.10 29.32
O2 PG4 G . -12.74 -5.45 28.97
C3 PG4 G . -13.90 -6.10 28.48
C4 PG4 G . -13.65 -7.51 28.13
O3 PG4 G . -12.42 -7.65 27.42
C5 PG4 G . -12.01 -8.98 27.23
C6 PG4 G . -10.96 -9.08 26.21
O4 PG4 G . -9.75 -8.53 26.65
C7 PG4 G . -8.70 -8.87 25.76
C8 PG4 G . -7.75 -7.76 25.68
O5 PG4 G . -7.59 -7.39 24.32
O1 PG4 H . -3.54 -9.76 25.30
C1 PG4 H . -2.52 -10.75 25.21
C2 PG4 H . -1.17 -10.14 25.25
O2 PG4 H . -0.25 -10.84 24.42
C3 PG4 H . 1.11 -10.56 24.71
C4 PG4 H . 1.69 -9.50 23.86
O3 PG4 H . 1.43 -8.20 24.40
C5 PG4 H . 2.24 -7.18 23.82
C6 PG4 H . 1.50 -6.27 22.93
O4 PG4 H . 0.79 -5.27 23.65
C7 PG4 H . 0.87 -3.97 23.06
C8 PG4 H . -0.37 -3.57 22.35
O5 PG4 H . -1.50 -3.74 23.19
OH2 1PE I . 3.08 9.25 -8.33
C12 1PE I . 2.07 9.18 -9.33
C22 1PE I . 1.35 7.89 -9.28
OH3 1PE I . 0.46 7.68 -10.38
C13 1PE I . 1.45 5.84 -11.62
C23 1PE I . 1.05 7.27 -11.61
OH4 1PE I . 2.70 5.67 -12.30
C14 1PE I . 5.07 6.23 -12.24
C24 1PE I . 3.81 6.03 -11.47
OH5 1PE I . 6.27 5.97 -11.52
C15 1PE I . 8.19 6.73 -10.19
C25 1PE I . 6.86 7.07 -10.82
OH6 1PE I . 8.15 5.56 -9.37
C16 1PE I . 10.59 5.20 -8.90
C26 1PE I . 9.20 5.39 -8.38
OH7 1PE I . 10.81 3.90 -9.45
O1 PG4 J . 13.90 6.19 -0.39
C1 PG4 J . 15.08 5.40 -0.49
C2 PG4 J . 15.03 4.59 -1.72
O2 PG4 J . 14.75 5.44 -2.83
C3 PG4 J . 14.99 4.84 -4.07
C4 PG4 J . 14.72 5.77 -5.18
O3 PG4 J . 15.74 6.73 -5.37
C5 PG4 J . 16.01 6.96 -6.75
C6 PG4 J . 16.76 8.22 -6.93
O4 PG4 J . 17.37 8.64 -5.71
C7 PG4 J . 17.92 9.94 -5.83
C8 PG4 J . 18.93 10.23 -4.76
O5 PG4 J . 18.28 10.60 -3.56
C1 PEG K . 15.74 11.06 -8.29
O1 PEG K . 15.86 12.48 -8.23
C2 PEG K . 14.58 10.70 -9.14
O2 PEG K . 13.91 9.58 -8.62
C3 PEG K . 12.62 9.42 -9.21
C4 PEG K . 12.18 8.01 -9.19
O4 PEG K . 12.02 7.46 -7.89
OH2 1PE L . 12.80 4.04 -26.78
C12 1PE L . 13.27 5.33 -26.40
C22 1PE L . 13.78 5.36 -25.01
OH3 1PE L . 13.74 6.69 -24.49
C13 1PE L . 14.29 9.00 -24.71
C23 1PE L . 14.29 7.67 -25.35
OH4 1PE L . 13.04 9.61 -24.91
C14 1PE L . 11.26 10.89 -23.85
C24 1PE L . 12.52 10.12 -23.67
OH5 1PE L . 10.57 11.12 -22.61
C15 1PE L . 10.53 12.45 -20.61
C25 1PE L . 11.35 11.85 -21.67
OH6 1PE L . 11.34 13.14 -19.67
C16 1PE L . 12.13 15.36 -19.15
C26 1PE L . 11.84 14.35 -20.21
OH7 1PE L . 12.91 16.42 -19.68
O1 PG4 M . 13.77 -9.41 -5.22
C1 PG4 M . 15.17 -9.32 -4.96
C2 PG4 M . 15.50 -9.28 -3.50
O2 PG4 M . 15.29 -10.56 -2.88
C3 PG4 M . 15.48 -10.54 -1.47
C4 PG4 M . 14.20 -10.31 -0.76
O3 PG4 M . 14.37 -10.34 0.64
C5 PG4 M . 13.33 -9.65 1.34
C6 PG4 M . 12.12 -10.49 1.48
O4 PG4 M . 10.93 -9.73 1.34
C7 PG4 M . 9.93 -10.42 0.61
C8 PG4 M . 8.93 -9.49 0.05
O5 PG4 M . 8.52 -9.91 -1.24
#